data_4X5V
#
_entry.id   4X5V
#
_cell.length_a   56.010
_cell.length_b   62.842
_cell.length_c   141.507
_cell.angle_alpha   90.00
_cell.angle_beta   90.00
_cell.angle_gamma   90.00
#
_symmetry.space_group_name_H-M   'P 21 21 21'
#
loop_
_entity.id
_entity.type
_entity.pdbx_description
1 polymer 'DNA polymerase lambda'
2 polymer "DNA (5'-D(P*GP*CP*CP*G)-3')"
3 polymer "DNA (5'-D(*CP*AP*GP*TP*AP*CP*(8OG))-3')"
4 polymer "DNA (5'-D(*CP*GP*GP*CP*AP*GP*TP*AP*CP*TP*G)-3')"
5 non-polymer 'SODIUM ION'
6 non-polymer 'MAGNESIUM ION'
7 non-polymer 'CITRIC ACID'
8 water water
#
loop_
_entity_poly.entity_id
_entity_poly.type
_entity_poly.pdbx_seq_one_letter_code
_entity_poly.pdbx_strand_id
1 'polypeptide(L)'
;NHNLHITEKLEVLAKAYSVQGDKWRALGYAKAINALKSFHKPVTSYQEACSIPGIGKRMAEKIIEILESGHLRKLDHISE
SVPVLELFSNIWGAGTKTAQMWYQQGFRSLEDIRSQASLTTQQAIGLKHYSDFLERMPREEATEIEQTVQKAAQAFNSGL
LCVACGSYRRGKATCGDVDVLITHPDGRSHRGIFSRLLDSLRQEGFLTDDLVSQEENGQQQKYLGVCRLPGPGRRHRRLD
IIVVPYSEFACALLYFTGSAHFNRSMRALAKTKGMSLSEHALSTAVVRNTHGCKVGPGRVLPTPTEKDVFRLLGLPYREP
AERDW
;
A
2 'polydeoxyribonucleotide' (DG)(DC)(DC)(DG) D
3 'polydeoxyribonucleotide' (DC)(DA)(DG)(DT)(DA)(DC)(8OG) P
4 'polydeoxyribonucleotide' (DC)(DG)(DG)(DC)(DA)(DG)(DT)(DA)(DC)(DT)(DG) T
#
loop_
_chem_comp.id
_chem_comp.type
_chem_comp.name
_chem_comp.formula
8OG DNA linking 8-OXO-2'-DEOXY-GUANOSINE-5'-MONOPHOSPHATE 'C10 H14 N5 O8 P'
CIT non-polymer 'CITRIC ACID' 'C6 H8 O7'
DA DNA linking 2'-DEOXYADENOSINE-5'-MONOPHOSPHATE 'C10 H14 N5 O6 P'
DC DNA linking 2'-DEOXYCYTIDINE-5'-MONOPHOSPHATE 'C9 H14 N3 O7 P'
DG DNA linking 2'-DEOXYGUANOSINE-5'-MONOPHOSPHATE 'C10 H14 N5 O7 P'
DT DNA linking THYMIDINE-5'-MONOPHOSPHATE 'C10 H15 N2 O8 P'
MG non-polymer 'MAGNESIUM ION' 'Mg 2'
NA non-polymer 'SODIUM ION' 'Na 1'
#
# COMPACT_ATOMS: atom_id res chain seq x y z
N ASN A 1 -7.92 22.44 -0.56
CA ASN A 1 -8.89 21.98 -1.54
C ASN A 1 -10.10 22.91 -1.60
N HIS A 2 -10.43 23.37 -2.81
CA HIS A 2 -11.47 24.37 -3.03
C HIS A 2 -12.66 23.77 -3.77
N ASN A 3 -12.76 22.45 -3.78
CA ASN A 3 -13.73 21.76 -4.63
C ASN A 3 -14.34 20.52 -3.98
N LEU A 4 -14.49 20.55 -2.66
CA LEU A 4 -14.90 19.36 -1.91
C LEU A 4 -16.31 18.90 -2.26
N HIS A 5 -17.17 19.84 -2.61
CA HIS A 5 -18.51 19.52 -3.09
C HIS A 5 -18.39 18.59 -4.30
N ILE A 6 -17.35 18.82 -5.09
CA ILE A 6 -17.09 18.04 -6.29
C ILE A 6 -16.32 16.74 -6.00
N THR A 7 -15.19 16.84 -5.33
CA THR A 7 -14.33 15.67 -5.13
C THR A 7 -15.06 14.56 -4.39
N GLU A 8 -15.76 14.90 -3.32
CA GLU A 8 -16.43 13.90 -2.50
C GLU A 8 -17.47 13.14 -3.31
N LYS A 9 -18.04 13.78 -4.33
CA LYS A 9 -18.98 13.09 -5.23
C LYS A 9 -18.24 12.16 -6.19
N LEU A 10 -17.09 12.61 -6.69
CA LEU A 10 -16.27 11.77 -7.57
C LEU A 10 -15.68 10.60 -6.79
N GLU A 11 -15.36 10.85 -5.53
CA GLU A 11 -14.70 9.87 -4.69
C GLU A 11 -15.56 8.61 -4.57
N VAL A 12 -16.81 8.82 -4.19
CA VAL A 12 -17.81 7.75 -4.20
C VAL A 12 -17.78 6.97 -5.52
N LEU A 13 -17.65 7.69 -6.63
CA LEU A 13 -17.61 7.05 -7.93
C LEU A 13 -16.32 6.26 -8.10
N ALA A 14 -15.21 6.85 -7.68
CA ALA A 14 -13.91 6.19 -7.70
C ALA A 14 -13.98 4.83 -7.03
N LYS A 15 -14.46 4.83 -5.78
CA LYS A 15 -14.51 3.60 -4.99
C LYS A 15 -15.44 2.57 -5.61
N ALA A 16 -16.55 3.03 -6.18
CA ALA A 16 -17.52 2.14 -6.79
C ALA A 16 -16.90 1.39 -7.98
N TYR A 17 -16.20 2.12 -8.86
CA TYR A 17 -15.55 1.48 -9.99
C TYR A 17 -14.45 0.53 -9.50
N SER A 18 -13.73 0.94 -8.47
CA SER A 18 -12.63 0.15 -7.92
C SER A 18 -13.16 -1.21 -7.42
N VAL A 19 -14.22 -1.17 -6.61
CA VAL A 19 -14.73 -2.38 -6.02
C VAL A 19 -15.42 -3.28 -7.05
N GLN A 20 -15.92 -2.69 -8.14
CA GLN A 20 -16.55 -3.47 -9.21
C GLN A 20 -15.51 -4.02 -10.19
N GLY A 21 -14.23 -3.72 -9.93
CA GLY A 21 -13.14 -4.30 -10.70
C GLY A 21 -12.72 -3.49 -11.92
N ASP A 22 -13.33 -2.33 -12.13
CA ASP A 22 -12.95 -1.48 -13.26
C ASP A 22 -11.76 -0.62 -12.83
N LYS A 23 -10.60 -1.25 -12.71
CA LYS A 23 -9.46 -0.65 -12.04
C LYS A 23 -8.83 0.52 -12.81
N TRP A 24 -8.88 0.48 -14.13
CA TRP A 24 -8.26 1.54 -14.92
C TRP A 24 -9.11 2.80 -14.89
N ARG A 25 -10.42 2.63 -14.81
CA ARG A 25 -11.31 3.74 -14.70
C ARG A 25 -11.13 4.34 -13.31
N ALA A 26 -11.03 3.50 -12.28
CA ALA A 26 -10.79 3.98 -10.92
C ALA A 26 -9.50 4.77 -10.85
N LEU A 27 -8.46 4.27 -11.51
CA LEU A 27 -7.17 4.95 -11.58
C LEU A 27 -7.33 6.34 -12.17
N GLY A 28 -8.09 6.42 -13.26
CA GLY A 28 -8.36 7.69 -13.91
C GLY A 28 -9.01 8.69 -12.96
N TYR A 29 -10.04 8.23 -12.25
CA TYR A 29 -10.72 9.08 -11.28
C TYR A 29 -9.77 9.55 -10.19
N ALA A 30 -8.92 8.65 -9.71
CA ALA A 30 -8.05 8.96 -8.59
C ALA A 30 -7.12 10.11 -8.94
N LYS A 31 -6.63 10.13 -10.18
CA LYS A 31 -5.78 11.21 -10.65
C LYS A 31 -6.53 12.52 -10.62
N ALA A 32 -7.71 12.51 -11.24
CA ALA A 32 -8.53 13.71 -11.35
C ALA A 32 -8.90 14.22 -9.96
N ILE A 33 -9.23 13.29 -9.07
CA ILE A 33 -9.64 13.66 -7.72
C ILE A 33 -8.46 14.28 -6.96
N ASN A 34 -7.23 13.92 -7.30
CA ASN A 34 -6.06 14.56 -6.70
C ASN A 34 -5.72 15.89 -7.37
N ALA A 35 -5.98 16.00 -8.67
CA ALA A 35 -5.83 17.29 -9.35
C ALA A 35 -6.68 18.32 -8.63
N LEU A 36 -7.97 18.03 -8.51
CA LEU A 36 -8.92 18.93 -7.87
C LEU A 36 -8.52 19.28 -6.44
N LYS A 37 -7.81 18.37 -5.78
CA LYS A 37 -7.30 18.63 -4.44
C LYS A 37 -6.26 19.75 -4.47
N TYR A 46 -15.50 24.94 -17.58
CA TYR A 46 -15.18 23.76 -18.38
C TYR A 46 -13.83 23.90 -19.06
N GLN A 47 -13.55 25.10 -19.57
CA GLN A 47 -12.26 25.35 -20.21
C GLN A 47 -11.15 25.18 -19.19
N GLU A 48 -11.41 25.65 -17.97
CA GLU A 48 -10.42 25.57 -16.89
C GLU A 48 -10.29 24.14 -16.38
N ALA A 49 -11.37 23.36 -16.45
CA ALA A 49 -11.33 21.96 -16.04
C ALA A 49 -10.31 21.19 -16.88
N CYS A 50 -10.50 21.22 -18.19
CA CYS A 50 -9.58 20.59 -19.11
C CYS A 50 -8.13 21.00 -18.87
N SER A 51 -7.94 22.27 -18.53
CA SER A 51 -6.61 22.88 -18.39
C SER A 51 -5.67 22.14 -17.42
N ILE A 52 -6.25 21.44 -16.44
CA ILE A 52 -5.45 20.76 -15.42
C ILE A 52 -5.08 19.36 -15.91
N PRO A 53 -3.82 18.92 -15.65
CA PRO A 53 -3.47 17.56 -16.06
C PRO A 53 -4.19 16.51 -15.21
N GLY A 54 -4.54 15.37 -15.81
CA GLY A 54 -5.35 14.37 -15.14
C GLY A 54 -6.84 14.56 -15.37
N ILE A 55 -7.23 15.69 -15.95
CA ILE A 55 -8.64 16.01 -16.16
C ILE A 55 -8.96 16.17 -17.65
N GLY A 56 -9.62 15.17 -18.22
CA GLY A 56 -10.00 15.18 -19.63
C GLY A 56 -11.35 15.86 -19.83
N LYS A 57 -11.90 15.75 -21.04
CA LYS A 57 -13.19 16.38 -21.32
C LYS A 57 -14.29 15.69 -20.53
N ARG A 58 -14.23 14.36 -20.45
CA ARG A 58 -15.29 13.60 -19.80
C ARG A 58 -15.33 13.88 -18.31
N MET A 59 -14.17 14.03 -17.69
CA MET A 59 -14.10 14.42 -16.28
C MET A 59 -14.62 15.86 -16.13
N ALA A 60 -14.11 16.75 -16.97
CA ALA A 60 -14.55 18.15 -16.97
C ALA A 60 -16.07 18.28 -17.00
N GLU A 61 -16.71 17.53 -17.89
CA GLU A 61 -18.16 17.55 -18.00
C GLU A 61 -18.85 17.20 -16.68
N LYS A 62 -18.33 16.19 -15.98
CA LYS A 62 -18.93 15.76 -14.72
C LYS A 62 -18.82 16.83 -13.65
N ILE A 63 -17.72 17.60 -13.69
CA ILE A 63 -17.54 18.73 -12.78
C ILE A 63 -18.54 19.83 -13.06
N ILE A 64 -18.78 20.09 -14.33
CA ILE A 64 -19.72 21.14 -14.75
C ILE A 64 -21.14 20.75 -14.38
N GLU A 65 -21.43 19.46 -14.44
CA GLU A 65 -22.74 18.96 -14.04
C GLU A 65 -22.93 19.14 -12.54
N ILE A 66 -21.85 19.01 -11.78
CA ILE A 66 -21.89 19.26 -10.34
C ILE A 66 -21.94 20.75 -10.04
N LEU A 67 -21.12 21.52 -10.75
CA LEU A 67 -21.12 22.97 -10.60
C LEU A 67 -22.47 23.54 -10.98
N GLU A 68 -22.94 23.21 -12.18
CA GLU A 68 -24.19 23.72 -12.70
C GLU A 68 -25.42 23.12 -12.01
N SER A 69 -25.47 21.79 -11.90
CA SER A 69 -26.68 21.10 -11.42
C SER A 69 -26.68 20.85 -9.91
N GLY A 70 -25.58 20.31 -9.38
CA GLY A 70 -25.46 20.07 -7.96
C GLY A 70 -25.58 18.61 -7.58
N HIS A 71 -26.23 17.83 -8.43
CA HIS A 71 -26.19 16.37 -8.32
C HIS A 71 -25.24 15.85 -9.39
N LEU A 72 -24.97 14.55 -9.37
CA LEU A 72 -24.19 13.89 -10.42
C LEU A 72 -24.94 12.62 -10.79
N ARG A 73 -25.39 12.54 -12.03
CA ARG A 73 -26.38 11.54 -12.42
C ARG A 73 -25.82 10.13 -12.47
N LYS A 74 -24.52 9.99 -12.73
CA LYS A 74 -23.90 8.68 -12.71
C LYS A 74 -23.85 8.21 -11.25
N LEU A 75 -23.72 9.19 -10.35
CA LEU A 75 -23.81 8.92 -8.93
C LEU A 75 -25.20 8.39 -8.56
N ASP A 76 -26.23 9.00 -9.16
CA ASP A 76 -27.61 8.60 -8.88
C ASP A 76 -27.85 7.12 -9.16
N HIS A 77 -27.22 6.61 -10.21
CA HIS A 77 -27.53 5.28 -10.74
C HIS A 77 -26.43 4.25 -10.48
N ILE A 78 -25.56 4.53 -9.51
CA ILE A 78 -24.62 3.53 -9.00
C ILE A 78 -25.39 2.32 -8.49
N SER A 79 -24.95 1.12 -8.86
CA SER A 79 -25.56 -0.12 -8.40
C SER A 79 -25.67 -0.16 -6.88
N GLU A 80 -26.84 -0.55 -6.40
CA GLU A 80 -27.08 -0.68 -4.96
C GLU A 80 -26.25 -1.81 -4.35
N SER A 81 -25.61 -2.62 -5.18
CA SER A 81 -24.72 -3.68 -4.71
C SER A 81 -23.45 -3.11 -4.09
N VAL A 82 -23.11 -1.88 -4.47
CA VAL A 82 -21.77 -1.35 -4.22
C VAL A 82 -21.44 -1.20 -2.72
N PRO A 83 -22.36 -0.69 -1.89
CA PRO A 83 -22.00 -0.63 -0.47
C PRO A 83 -21.69 -2.00 0.13
N VAL A 84 -22.38 -3.04 -0.31
CA VAL A 84 -22.15 -4.39 0.19
C VAL A 84 -20.81 -4.92 -0.31
N LEU A 85 -20.51 -4.65 -1.58
CA LEU A 85 -19.25 -5.08 -2.14
C LEU A 85 -18.08 -4.41 -1.39
N GLU A 86 -18.26 -3.15 -1.01
CA GLU A 86 -17.22 -2.43 -0.28
C GLU A 86 -17.08 -2.98 1.14
N LEU A 87 -18.21 -3.27 1.78
CA LEU A 87 -18.21 -3.99 3.07
C LEU A 87 -17.40 -5.27 2.97
N PHE A 88 -17.69 -6.09 1.97
CA PHE A 88 -17.00 -7.36 1.80
C PHE A 88 -15.51 -7.16 1.47
N SER A 89 -15.24 -6.22 0.55
CA SER A 89 -13.89 -5.97 0.09
C SER A 89 -12.94 -5.48 1.19
N ASN A 90 -13.49 -4.90 2.25
CA ASN A 90 -12.66 -4.41 3.34
C ASN A 90 -12.22 -5.53 4.28
N ILE A 91 -12.63 -6.75 3.97
CA ILE A 91 -12.06 -7.92 4.63
C ILE A 91 -10.68 -8.14 4.03
N TRP A 92 -9.65 -8.17 4.88
CA TRP A 92 -8.30 -8.41 4.40
C TRP A 92 -8.22 -9.78 3.75
N GLY A 93 -7.74 -9.82 2.52
CA GLY A 93 -7.62 -11.06 1.78
C GLY A 93 -8.76 -11.29 0.80
N ALA A 94 -9.79 -10.44 0.89
CA ALA A 94 -10.87 -10.46 -0.07
C ALA A 94 -10.82 -9.21 -0.93
N GLY A 95 -10.98 -9.40 -2.23
CA GLY A 95 -10.96 -8.32 -3.20
C GLY A 95 -12.21 -8.35 -4.04
N THR A 96 -12.16 -7.68 -5.19
CA THR A 96 -13.35 -7.51 -6.01
C THR A 96 -13.93 -8.83 -6.51
N LYS A 97 -13.11 -9.82 -6.82
CA LYS A 97 -13.64 -11.09 -7.33
C LYS A 97 -14.42 -11.83 -6.25
N THR A 98 -13.82 -11.96 -5.07
CA THR A 98 -14.45 -12.68 -3.96
C THR A 98 -15.71 -11.96 -3.51
N ALA A 99 -15.64 -10.64 -3.41
CA ALA A 99 -16.78 -9.83 -3.00
C ALA A 99 -17.98 -10.02 -3.94
N GLN A 100 -17.72 -9.99 -5.25
CA GLN A 100 -18.77 -10.20 -6.24
C GLN A 100 -19.39 -11.58 -6.10
N MET A 101 -18.52 -12.56 -5.87
CA MET A 101 -18.96 -13.95 -5.81
C MET A 101 -19.90 -14.12 -4.62
N TRP A 102 -19.44 -13.65 -3.46
CA TRP A 102 -20.27 -13.65 -2.26
C TRP A 102 -21.61 -12.97 -2.51
N TYR A 103 -21.57 -11.81 -3.15
CA TYR A 103 -22.80 -11.09 -3.47
C TYR A 103 -23.71 -11.95 -4.34
N GLN A 104 -23.16 -12.44 -5.44
CA GLN A 104 -23.87 -13.34 -6.33
C GLN A 104 -24.55 -14.49 -5.56
N GLN A 105 -23.87 -15.00 -4.54
CA GLN A 105 -24.36 -16.14 -3.77
C GLN A 105 -25.43 -15.74 -2.74
N GLY A 106 -25.79 -14.46 -2.70
CA GLY A 106 -26.87 -13.99 -1.87
C GLY A 106 -26.46 -13.37 -0.53
N PHE A 107 -25.16 -13.35 -0.25
CA PHE A 107 -24.66 -12.79 1.01
C PHE A 107 -24.72 -11.27 0.97
N ARG A 108 -25.13 -10.66 2.08
CA ARG A 108 -25.32 -9.20 2.13
C ARG A 108 -24.82 -8.55 3.43
N SER A 109 -24.26 -9.35 4.32
CA SER A 109 -23.80 -8.86 5.62
C SER A 109 -22.58 -9.66 6.05
N LEU A 110 -21.82 -9.13 7.01
CA LEU A 110 -20.68 -9.86 7.54
C LEU A 110 -21.14 -11.06 8.33
N GLU A 111 -22.37 -10.98 8.84
CA GLU A 111 -22.98 -12.11 9.53
C GLU A 111 -23.18 -13.28 8.56
N ASP A 112 -23.66 -12.96 7.35
CA ASP A 112 -23.76 -13.95 6.29
C ASP A 112 -22.40 -14.57 5.98
N ILE A 113 -21.40 -13.73 5.77
CA ILE A 113 -20.05 -14.20 5.46
C ILE A 113 -19.57 -15.13 6.55
N ARG A 114 -19.77 -14.72 7.79
CA ARG A 114 -19.34 -15.50 8.94
C ARG A 114 -20.00 -16.88 8.96
N SER A 115 -21.32 -16.90 8.77
CA SER A 115 -22.08 -18.12 8.98
C SER A 115 -22.14 -19.02 7.73
N GLN A 116 -21.99 -18.43 6.55
CA GLN A 116 -22.23 -19.15 5.30
C GLN A 116 -21.07 -19.15 4.33
N ALA A 117 -20.25 -18.11 4.35
CA ALA A 117 -19.21 -18.00 3.32
C ALA A 117 -18.09 -18.99 3.59
N SER A 118 -17.47 -19.45 2.51
CA SER A 118 -16.21 -20.16 2.63
C SER A 118 -15.13 -19.08 2.72
N LEU A 119 -14.16 -19.31 3.59
CA LEU A 119 -13.13 -18.31 3.83
C LEU A 119 -11.75 -18.94 3.83
N THR A 120 -10.79 -18.25 3.23
CA THR A 120 -9.40 -18.61 3.37
C THR A 120 -8.95 -18.27 4.78
N THR A 121 -7.83 -18.87 5.18
CA THR A 121 -7.21 -18.58 6.46
C THR A 121 -6.99 -17.06 6.64
N GLN A 122 -6.49 -16.43 5.59
CA GLN A 122 -6.26 -14.98 5.60
C GLN A 122 -7.56 -14.20 5.81
N GLN A 123 -8.59 -14.59 5.10
CA GLN A 123 -9.87 -13.89 5.15
C GLN A 123 -10.54 -14.06 6.51
N ALA A 124 -10.40 -15.23 7.11
CA ALA A 124 -10.96 -15.47 8.43
C ALA A 124 -10.31 -14.53 9.45
N ILE A 125 -9.00 -14.34 9.31
CA ILE A 125 -8.27 -13.42 10.17
C ILE A 125 -8.69 -11.98 9.92
N GLY A 126 -8.89 -11.62 8.66
CA GLY A 126 -9.32 -10.28 8.29
C GLY A 126 -10.67 -9.97 8.90
N LEU A 127 -11.55 -10.96 8.86
CA LEU A 127 -12.89 -10.83 9.41
C LEU A 127 -12.83 -10.69 10.93
N LYS A 128 -12.03 -11.55 11.58
CA LYS A 128 -11.85 -11.50 13.02
C LYS A 128 -11.42 -10.12 13.51
N HIS A 129 -10.69 -9.39 12.66
CA HIS A 129 -10.19 -8.06 13.01
C HIS A 129 -10.75 -6.98 12.11
N TYR A 130 -11.98 -7.17 11.65
CA TYR A 130 -12.58 -6.28 10.66
C TYR A 130 -12.51 -4.79 11.07
N SER A 131 -12.99 -4.48 12.27
CA SER A 131 -12.96 -3.10 12.74
C SER A 131 -11.54 -2.61 12.95
N ASP A 132 -10.70 -3.42 13.60
CA ASP A 132 -9.34 -3.00 13.90
C ASP A 132 -8.58 -2.61 12.64
N PHE A 133 -8.75 -3.37 11.56
CA PHE A 133 -8.03 -3.11 10.32
C PHE A 133 -8.56 -1.90 9.57
N LEU A 134 -9.75 -1.42 9.93
CA LEU A 134 -10.26 -0.18 9.35
C LEU A 134 -9.74 1.05 10.09
N GLU A 135 -9.18 0.86 11.27
CA GLU A 135 -8.68 1.98 12.07
C GLU A 135 -7.24 2.31 11.72
N ARG A 136 -6.88 3.57 11.97
CA ARG A 136 -5.50 4.00 11.92
C ARG A 136 -5.02 4.24 13.35
N MET A 137 -3.75 4.00 13.59
CA MET A 137 -3.17 4.20 14.91
C MET A 137 -2.49 5.56 14.96
N PRO A 138 -2.41 6.17 16.16
CA PRO A 138 -1.59 7.38 16.30
C PRO A 138 -0.14 7.04 15.98
N ARG A 139 0.57 7.91 15.26
CA ARG A 139 1.92 7.58 14.82
C ARG A 139 2.83 7.23 16.01
N GLU A 140 2.42 7.63 17.22
CA GLU A 140 3.18 7.31 18.43
C GLU A 140 3.11 5.80 18.71
N GLU A 141 1.98 5.18 18.40
CA GLU A 141 1.84 3.74 18.63
C GLU A 141 2.70 2.98 17.62
N ALA A 142 2.82 3.54 16.43
CA ALA A 142 3.65 2.97 15.38
C ALA A 142 5.10 2.96 15.85
N THR A 143 5.50 4.07 16.47
CA THR A 143 6.82 4.18 17.08
C THR A 143 7.10 3.04 18.06
N GLU A 144 6.12 2.72 18.91
CA GLU A 144 6.28 1.67 19.92
C GLU A 144 6.39 0.29 19.28
N ILE A 145 5.63 0.09 18.21
CA ILE A 145 5.60 -1.19 17.50
C ILE A 145 6.95 -1.42 16.82
N GLU A 146 7.45 -0.36 16.18
CA GLU A 146 8.78 -0.41 15.55
C GLU A 146 9.84 -0.78 16.58
N GLN A 147 9.84 -0.04 17.69
CA GLN A 147 10.82 -0.23 18.75
C GLN A 147 10.78 -1.64 19.31
N THR A 148 9.59 -2.22 19.37
CA THR A 148 9.39 -3.58 19.82
C THR A 148 10.05 -4.58 18.85
N VAL A 149 9.84 -4.36 17.55
CA VAL A 149 10.46 -5.20 16.53
C VAL A 149 11.97 -4.98 16.54
N GLN A 150 12.38 -3.72 16.58
CA GLN A 150 13.80 -3.38 16.58
C GLN A 150 14.59 -4.05 17.70
N LYS A 151 14.09 -3.92 18.93
CA LYS A 151 14.84 -4.42 20.09
C LYS A 151 14.94 -5.94 20.06
N ALA A 152 13.90 -6.59 19.55
CA ALA A 152 13.95 -8.03 19.33
C ALA A 152 15.00 -8.36 18.27
N ALA A 153 15.05 -7.55 17.23
CA ALA A 153 16.03 -7.76 16.17
C ALA A 153 17.44 -7.53 16.70
N GLN A 154 17.65 -6.37 17.30
CA GLN A 154 18.98 -6.00 17.77
C GLN A 154 19.51 -6.91 18.85
N ALA A 155 18.61 -7.51 19.64
CA ALA A 155 19.02 -8.47 20.65
C ALA A 155 19.71 -9.66 19.98
N PHE A 156 19.11 -10.15 18.90
CA PHE A 156 19.70 -11.23 18.12
C PHE A 156 20.99 -10.75 17.46
N ASN A 157 20.96 -9.54 16.91
CA ASN A 157 22.14 -8.94 16.28
C ASN A 157 22.15 -7.41 16.34
N SER A 158 23.11 -6.86 17.07
CA SER A 158 23.21 -5.41 17.23
C SER A 158 23.81 -4.79 15.97
N GLY A 159 23.57 -3.50 15.75
CA GLY A 159 24.06 -2.85 14.55
C GLY A 159 23.11 -3.04 13.38
N LEU A 160 22.24 -4.04 13.48
CA LEU A 160 21.18 -4.24 12.51
C LEU A 160 20.41 -2.95 12.35
N LEU A 161 19.92 -2.70 11.14
CA LEU A 161 19.22 -1.46 10.87
C LEU A 161 17.73 -1.73 10.75
N CYS A 162 16.96 -1.04 11.58
CA CYS A 162 15.50 -1.17 11.59
C CYS A 162 14.91 0.21 11.39
N VAL A 163 13.92 0.32 10.51
CA VAL A 163 13.34 1.61 10.22
C VAL A 163 11.88 1.49 9.76
N ALA A 164 11.06 2.37 10.31
CA ALA A 164 9.65 2.43 9.99
C ALA A 164 9.45 3.24 8.72
N CYS A 165 8.73 2.67 7.76
CA CYS A 165 8.52 3.30 6.46
C CYS A 165 7.06 3.71 6.31
N GLY A 166 6.49 3.54 5.12
CA GLY A 166 5.10 3.88 4.87
C GLY A 166 4.70 5.27 5.34
N SER A 167 3.43 5.40 5.72
CA SER A 167 2.86 6.68 6.14
C SER A 167 3.61 7.27 7.33
N TYR A 168 4.12 6.40 8.19
CA TYR A 168 4.92 6.83 9.33
C TYR A 168 6.09 7.70 8.89
N ARG A 169 6.90 7.20 7.97
CA ARG A 169 8.07 7.91 7.51
C ARG A 169 7.69 9.19 6.77
N ARG A 170 6.56 9.16 6.07
CA ARG A 170 6.10 10.34 5.34
C ARG A 170 5.55 11.41 6.29
N GLY A 171 5.51 11.11 7.58
CA GLY A 171 5.22 12.11 8.59
C GLY A 171 3.74 12.26 8.94
N LYS A 172 2.93 11.28 8.56
CA LYS A 172 1.50 11.33 8.86
C LYS A 172 1.20 11.16 10.35
N ALA A 173 0.16 11.87 10.79
CA ALA A 173 -0.25 11.82 12.19
C ALA A 173 -0.71 10.42 12.58
N THR A 174 -1.37 9.73 11.64
CA THR A 174 -1.88 8.40 11.90
C THR A 174 -1.44 7.43 10.80
N CYS A 175 -1.33 6.14 11.17
CA CYS A 175 -0.86 5.11 10.26
C CYS A 175 -1.83 3.94 10.22
N GLY A 176 -2.09 3.42 9.02
CA GLY A 176 -2.96 2.26 8.86
C GLY A 176 -2.24 1.00 9.31
N ASP A 177 -0.92 1.03 9.25
CA ASP A 177 -0.11 -0.09 9.75
C ASP A 177 1.33 0.34 10.00
N VAL A 178 2.16 -0.61 10.39
CA VAL A 178 3.58 -0.35 10.57
C VAL A 178 4.40 -1.17 9.57
N ASP A 179 5.26 -0.48 8.82
CA ASP A 179 6.17 -1.11 7.89
C ASP A 179 7.60 -1.01 8.39
N VAL A 180 8.17 -2.14 8.83
CA VAL A 180 9.54 -2.15 9.34
C VAL A 180 10.50 -2.76 8.32
N LEU A 181 11.40 -1.92 7.82
CA LEU A 181 12.46 -2.35 6.91
C LEU A 181 13.70 -2.69 7.72
N ILE A 182 14.25 -3.89 7.52
CA ILE A 182 15.45 -4.29 8.24
C ILE A 182 16.58 -4.64 7.29
N THR A 183 17.74 -4.11 7.61
CA THR A 183 18.94 -4.40 6.84
C THR A 183 20.23 -4.39 7.68
N HIS A 184 21.30 -4.98 7.16
CA HIS A 184 22.62 -4.94 7.82
C HIS A 184 23.66 -4.32 6.94
N PRO A 185 24.30 -3.22 7.47
CA PRO A 185 25.32 -2.63 6.60
C PRO A 185 26.59 -3.48 6.46
N ASP A 186 26.72 -4.52 7.24
CA ASP A 186 27.84 -5.43 7.12
C ASP A 186 27.59 -6.59 6.15
N GLY A 187 27.48 -6.33 4.86
CA GLY A 187 27.29 -7.41 3.91
C GLY A 187 26.14 -8.36 4.18
N ARG A 188 26.36 -9.66 4.02
CA ARG A 188 25.32 -10.68 4.22
C ARG A 188 25.23 -11.24 5.63
N SER A 189 24.84 -10.40 6.56
CA SER A 189 24.75 -10.80 7.95
C SER A 189 23.55 -11.58 8.39
N HIS A 190 22.49 -11.66 7.58
CA HIS A 190 21.30 -12.35 8.01
C HIS A 190 20.98 -13.66 7.31
N ARG A 191 21.01 -14.74 8.11
CA ARG A 191 20.67 -16.06 7.64
C ARG A 191 19.59 -16.51 8.59
N GLY A 192 18.41 -16.79 8.07
CA GLY A 192 17.31 -17.22 8.90
C GLY A 192 17.01 -16.23 10.02
N ILE A 193 17.15 -14.94 9.71
CA ILE A 193 16.87 -13.90 10.71
C ILE A 193 15.38 -13.89 11.02
N PHE A 194 14.56 -14.11 10.00
CA PHE A 194 13.12 -14.20 10.16
C PHE A 194 12.76 -15.30 11.16
N SER A 195 13.42 -16.44 11.03
CA SER A 195 13.23 -17.56 11.96
C SER A 195 13.30 -17.08 13.39
N ARG A 196 14.33 -16.30 13.69
CA ARG A 196 14.64 -15.92 15.06
C ARG A 196 13.84 -14.71 15.52
N LEU A 197 13.76 -13.68 14.68
CA LEU A 197 12.95 -12.50 14.98
C LEU A 197 11.51 -12.88 15.29
N LEU A 198 10.88 -13.65 14.41
CA LEU A 198 9.48 -13.99 14.57
C LEU A 198 9.27 -14.88 15.79
N ASP A 199 10.14 -15.87 15.99
CA ASP A 199 10.07 -16.71 17.19
C ASP A 199 10.20 -15.83 18.44
N SER A 200 11.09 -14.84 18.36
CA SER A 200 11.29 -13.90 19.45
C SER A 200 10.02 -13.10 19.75
N LEU A 201 9.37 -12.61 18.69
CA LEU A 201 8.17 -11.78 18.86
C LEU A 201 6.98 -12.64 19.27
N ARG A 202 6.98 -13.90 18.84
CA ARG A 202 5.95 -14.84 19.28
C ARG A 202 6.05 -15.17 20.77
N GLN A 203 7.27 -15.38 21.25
CA GLN A 203 7.49 -15.73 22.66
C GLN A 203 7.00 -14.60 23.57
N GLU A 204 7.29 -13.36 23.18
CA GLU A 204 6.75 -12.18 23.86
C GLU A 204 5.23 -12.10 23.78
N GLY A 205 4.62 -12.94 22.94
CA GLY A 205 3.20 -12.85 22.66
C GLY A 205 2.81 -11.57 21.92
N PHE A 206 3.74 -11.01 21.16
CA PHE A 206 3.51 -9.75 20.44
C PHE A 206 2.75 -9.95 19.14
N LEU A 207 3.09 -11.01 18.40
CA LEU A 207 2.37 -11.36 17.18
C LEU A 207 1.13 -12.17 17.53
N THR A 208 0.01 -11.86 16.89
CA THR A 208 -1.27 -12.48 17.21
C THR A 208 -1.76 -13.35 16.04
N ASP A 209 -1.43 -12.96 14.82
CA ASP A 209 -1.76 -13.75 13.64
C ASP A 209 -0.73 -13.52 12.55
N ASP A 210 -0.63 -14.48 11.64
CA ASP A 210 0.17 -14.32 10.43
C ASP A 210 -0.76 -14.32 9.22
N LEU A 211 -0.53 -13.38 8.30
CA LEU A 211 -1.31 -13.31 7.08
C LEU A 211 -0.52 -13.92 5.94
N VAL A 212 0.72 -13.45 5.80
CA VAL A 212 1.64 -13.94 4.80
C VAL A 212 2.98 -14.19 5.45
N SER A 213 3.38 -15.46 5.50
CA SER A 213 4.62 -15.84 6.15
C SER A 213 5.07 -17.22 5.68
N GLN A 214 5.77 -17.24 4.55
CA GLN A 214 6.32 -18.47 4.01
C GLN A 214 7.61 -18.78 4.76
N GLU A 215 7.49 -19.54 5.85
CA GLU A 215 8.61 -19.84 6.73
C GLU A 215 9.25 -21.19 6.42
N GLU A 216 8.65 -21.96 5.52
CA GLU A 216 9.16 -23.26 5.17
C GLU A 216 10.32 -23.15 4.18
N ASN A 217 10.55 -21.95 3.68
CA ASN A 217 11.43 -21.74 2.53
C ASN A 217 12.88 -21.46 2.89
N GLY A 218 13.10 -20.35 3.58
CA GLY A 218 14.44 -19.80 3.72
C GLY A 218 14.43 -18.34 3.28
N GLN A 219 14.25 -18.13 1.98
CA GLN A 219 14.27 -16.79 1.41
C GLN A 219 12.93 -16.05 1.51
N GLN A 220 12.23 -16.24 2.63
CA GLN A 220 11.09 -15.38 2.98
C GLN A 220 11.54 -13.93 2.89
N GLN A 221 10.85 -13.13 2.10
CA GLN A 221 11.22 -11.73 1.93
C GLN A 221 10.43 -10.84 2.87
N LYS A 222 9.13 -11.11 2.97
CA LYS A 222 8.27 -10.29 3.81
C LYS A 222 7.63 -11.11 4.92
N TYR A 223 7.25 -10.42 5.99
CA TYR A 223 6.27 -10.93 6.93
C TYR A 223 5.11 -9.95 6.95
N LEU A 224 3.89 -10.47 6.78
CA LEU A 224 2.70 -9.66 7.00
C LEU A 224 1.87 -10.35 8.04
N GLY A 225 1.58 -9.64 9.12
CA GLY A 225 0.80 -10.23 10.18
C GLY A 225 0.16 -9.20 11.06
N VAL A 226 -0.15 -9.64 12.27
CA VAL A 226 -0.94 -8.87 13.20
C VAL A 226 -0.22 -8.87 14.53
N CYS A 227 -0.17 -7.70 15.16
CA CYS A 227 0.48 -7.60 16.46
C CYS A 227 -0.39 -6.77 17.39
N ARG A 228 -0.09 -6.86 18.68
CA ARG A 228 -0.77 -6.06 19.67
C ARG A 228 0.13 -5.80 20.84
N LEU A 229 0.33 -4.52 21.13
CA LEU A 229 1.14 -4.10 22.25
C LEU A 229 0.53 -4.59 23.56
N PRO A 230 1.35 -4.70 24.61
CA PRO A 230 0.85 -5.15 25.91
C PRO A 230 0.01 -4.10 26.62
N GLY A 231 -0.87 -4.55 27.50
CA GLY A 231 -1.60 -3.66 28.37
C GLY A 231 -3.03 -3.41 27.94
N PRO A 232 -3.80 -2.71 28.78
CA PRO A 232 -5.18 -2.34 28.49
C PRO A 232 -5.29 -1.35 27.33
N GLY A 233 -6.44 -1.28 26.70
CA GLY A 233 -6.70 -0.25 25.70
C GLY A 233 -5.96 -0.43 24.39
N ARG A 234 -5.52 -1.65 24.09
CA ARG A 234 -4.78 -1.90 22.85
C ARG A 234 -5.62 -2.60 21.78
N ARG A 235 -5.38 -2.23 20.53
CA ARG A 235 -6.02 -2.87 19.40
C ARG A 235 -5.03 -3.71 18.60
N HIS A 236 -5.56 -4.66 17.84
CA HIS A 236 -4.75 -5.40 16.90
C HIS A 236 -4.32 -4.48 15.75
N ARG A 237 -3.03 -4.51 15.44
CA ARG A 237 -2.46 -3.67 14.38
C ARG A 237 -1.80 -4.54 13.34
N ARG A 238 -1.81 -4.09 12.10
CA ARG A 238 -1.09 -4.78 11.05
C ARG A 238 0.38 -4.40 11.07
N LEU A 239 1.21 -5.39 10.80
CA LEU A 239 2.65 -5.25 10.86
C LEU A 239 3.27 -5.94 9.66
N ASP A 240 4.00 -5.16 8.87
CA ASP A 240 4.74 -5.71 7.73
C ASP A 240 6.22 -5.52 7.97
N ILE A 241 6.96 -6.63 7.88
CA ILE A 241 8.40 -6.61 8.04
C ILE A 241 9.02 -7.15 6.78
N ILE A 242 10.07 -6.47 6.30
CA ILE A 242 10.87 -7.01 5.21
C ILE A 242 12.34 -6.90 5.55
N VAL A 243 13.06 -7.93 5.15
CA VAL A 243 14.50 -8.02 5.32
C VAL A 243 15.14 -7.98 3.94
N VAL A 244 16.04 -7.02 3.73
CA VAL A 244 16.70 -6.87 2.44
C VAL A 244 18.22 -6.82 2.56
N PRO A 245 18.92 -7.19 1.48
CA PRO A 245 20.37 -6.99 1.37
C PRO A 245 20.70 -5.51 1.46
N TYR A 246 21.87 -5.17 1.97
CA TYR A 246 22.21 -3.77 2.18
C TYR A 246 22.33 -2.99 0.87
N SER A 247 22.77 -3.68 -0.19
CA SER A 247 22.93 -3.03 -1.48
C SER A 247 21.58 -2.58 -2.06
N GLU A 248 20.49 -3.18 -1.59
CA GLU A 248 19.15 -2.84 -2.05
C GLU A 248 18.42 -1.90 -1.07
N PHE A 249 19.14 -1.38 -0.09
CA PHE A 249 18.50 -0.63 1.00
C PHE A 249 17.80 0.65 0.54
N ALA A 250 18.44 1.45 -0.31
CA ALA A 250 17.84 2.71 -0.75
C ALA A 250 16.56 2.46 -1.55
N CYS A 251 16.60 1.47 -2.43
CA CYS A 251 15.44 1.14 -3.26
C CYS A 251 14.32 0.53 -2.43
N ALA A 252 14.68 -0.27 -1.44
CA ALA A 252 13.69 -0.85 -0.52
C ALA A 252 13.05 0.27 0.29
N LEU A 253 13.89 1.17 0.79
CA LEU A 253 13.46 2.32 1.58
C LEU A 253 12.45 3.16 0.80
N LEU A 254 12.79 3.40 -0.46
CA LEU A 254 11.96 4.18 -1.36
C LEU A 254 10.62 3.50 -1.62
N TYR A 255 10.68 2.22 -2.00
CA TYR A 255 9.48 1.41 -2.19
C TYR A 255 8.56 1.44 -0.97
N PHE A 256 9.13 1.09 0.17
CA PHE A 256 8.35 0.84 1.38
C PHE A 256 7.85 2.13 2.03
N THR A 257 8.40 3.26 1.59
CA THR A 257 7.99 4.58 2.08
C THR A 257 6.80 5.13 1.29
N GLY A 258 6.74 4.81 0.00
CA GLY A 258 5.63 5.22 -0.84
C GLY A 258 5.57 6.72 -1.03
N SER A 259 4.41 7.30 -1.33
CA SER A 259 3.14 6.59 -1.43
C SER A 259 3.10 5.58 -2.58
N ALA A 260 2.03 4.79 -2.62
CA ALA A 260 1.82 3.85 -3.72
C ALA A 260 1.75 4.60 -5.04
N HIS A 261 1.04 5.73 -5.05
CA HIS A 261 0.95 6.53 -6.27
C HIS A 261 2.32 7.09 -6.65
N PHE A 262 3.02 7.61 -5.64
CA PHE A 262 4.35 8.17 -5.85
C PHE A 262 5.27 7.13 -6.50
N ASN A 263 5.26 5.92 -5.95
CA ASN A 263 6.05 4.82 -6.49
C ASN A 263 5.71 4.56 -7.96
N ARG A 264 4.43 4.40 -8.24
CA ARG A 264 3.97 4.08 -9.58
C ARG A 264 4.29 5.19 -10.58
N SER A 265 4.17 6.43 -10.13
CA SER A 265 4.53 7.58 -10.97
C SER A 265 6.03 7.53 -11.30
N MET A 266 6.83 7.27 -10.27
CA MET A 266 8.28 7.18 -10.42
C MET A 266 8.70 5.99 -11.27
N ARG A 267 8.00 4.86 -11.08
CA ARG A 267 8.27 3.67 -11.87
C ARG A 267 7.89 3.88 -13.33
N ALA A 268 6.75 4.53 -13.54
CA ALA A 268 6.30 4.86 -14.89
C ALA A 268 7.28 5.79 -15.56
N LEU A 269 7.86 6.71 -14.79
CA LEU A 269 8.86 7.62 -15.33
C LEU A 269 10.09 6.85 -15.78
N ALA A 270 10.60 5.98 -14.92
CA ALA A 270 11.79 5.20 -15.26
C ALA A 270 11.55 4.39 -16.53
N LYS A 271 10.36 3.82 -16.68
CA LYS A 271 10.04 3.07 -17.88
C LYS A 271 10.21 3.95 -19.13
N THR A 272 9.91 5.24 -19.01
CA THR A 272 10.03 6.14 -20.15
C THR A 272 11.49 6.38 -20.56
N LYS A 273 12.44 6.02 -19.70
CA LYS A 273 13.86 6.24 -19.99
C LYS A 273 14.61 4.94 -20.25
N GLY A 274 13.87 3.88 -20.56
CA GLY A 274 14.49 2.58 -20.78
C GLY A 274 15.01 1.98 -19.49
N MET A 275 14.61 2.55 -18.35
CA MET A 275 15.06 2.10 -17.05
C MET A 275 13.96 1.34 -16.32
N SER A 276 14.28 0.83 -15.13
CA SER A 276 13.30 0.08 -14.33
C SER A 276 13.63 0.19 -12.85
N LEU A 277 12.60 0.42 -12.05
CA LEU A 277 12.74 0.60 -10.62
C LEU A 277 11.83 -0.34 -9.84
N SER A 278 12.44 -1.04 -8.89
CA SER A 278 11.72 -1.95 -8.02
C SER A 278 12.26 -1.84 -6.60
N GLU A 279 11.54 -2.47 -5.68
CA GLU A 279 12.02 -2.66 -4.31
C GLU A 279 13.47 -3.12 -4.23
N HIS A 280 13.90 -3.87 -5.22
CA HIS A 280 15.25 -4.39 -5.27
C HIS A 280 16.30 -3.47 -5.80
N ALA A 281 16.03 -2.79 -6.89
CA ALA A 281 17.02 -1.94 -7.48
C ALA A 281 16.51 -1.08 -8.58
N LEU A 282 17.40 -0.21 -9.02
CA LEU A 282 17.15 0.62 -10.14
C LEU A 282 18.03 0.05 -11.24
N SER A 283 17.45 -0.32 -12.36
CA SER A 283 18.17 -0.88 -13.50
C SER A 283 18.14 0.03 -14.72
N THR A 284 19.16 -0.06 -15.55
CA THR A 284 19.24 0.70 -16.81
C THR A 284 19.33 -0.23 -18.00
N ALA A 285 18.90 0.27 -19.16
CA ALA A 285 18.99 -0.48 -20.42
C ALA A 285 18.13 -1.75 -20.38
N VAL A 286 16.99 -1.64 -19.70
CA VAL A 286 15.99 -2.68 -19.74
C VAL A 286 15.38 -2.75 -21.13
N VAL A 287 15.25 -3.97 -21.67
CA VAL A 287 14.69 -4.17 -23.01
C VAL A 287 13.22 -4.59 -22.90
N ARG A 288 12.33 -3.79 -23.47
CA ARG A 288 10.88 -4.03 -23.42
C ARG A 288 10.27 -4.03 -24.82
N ASN A 289 9.14 -4.70 -24.99
CA ASN A 289 8.47 -4.77 -26.30
C ASN A 289 7.49 -3.62 -26.50
N THR A 290 6.79 -3.65 -27.63
CA THR A 290 5.86 -2.59 -27.99
C THR A 290 4.72 -2.42 -27.00
N HIS A 291 4.46 -3.46 -26.20
CA HIS A 291 3.38 -3.43 -25.22
C HIS A 291 3.86 -3.00 -23.84
N GLY A 292 5.12 -2.59 -23.74
CA GLY A 292 5.70 -2.15 -22.49
C GLY A 292 6.18 -3.28 -21.60
N CYS A 293 6.13 -4.51 -22.12
CA CYS A 293 6.52 -5.68 -21.33
C CYS A 293 8.01 -6.02 -21.48
N LYS A 294 8.63 -6.31 -20.34
CA LYS A 294 10.05 -6.65 -20.25
C LYS A 294 10.43 -7.90 -21.03
N VAL A 295 11.32 -7.74 -22.02
CA VAL A 295 11.78 -8.85 -22.86
C VAL A 295 13.28 -9.13 -22.71
N GLY A 296 13.95 -8.37 -21.86
CA GLY A 296 15.38 -8.51 -21.67
C GLY A 296 15.83 -7.69 -20.48
N PRO A 297 16.67 -8.26 -19.62
CA PRO A 297 17.03 -7.49 -18.43
C PRO A 297 18.09 -6.47 -18.74
N GLY A 298 18.01 -5.34 -18.08
CA GLY A 298 19.06 -4.35 -18.18
C GLY A 298 20.13 -4.64 -17.17
N ARG A 299 20.47 -3.63 -16.38
CA ARG A 299 21.71 -3.64 -15.64
C ARG A 299 21.57 -2.79 -14.38
N VAL A 300 21.80 -3.40 -13.23
CA VAL A 300 21.59 -2.73 -11.96
C VAL A 300 22.56 -1.57 -11.79
N LEU A 301 22.02 -0.45 -11.32
CA LEU A 301 22.83 0.74 -11.06
C LEU A 301 23.13 0.84 -9.56
N PRO A 302 24.32 1.36 -9.20
CA PRO A 302 24.61 1.69 -7.81
C PRO A 302 23.70 2.77 -7.27
N THR A 303 22.99 2.47 -6.19
CA THR A 303 22.16 3.47 -5.51
C THR A 303 22.31 3.34 -4.00
N PRO A 304 23.45 3.78 -3.46
CA PRO A 304 23.68 3.82 -2.02
C PRO A 304 22.62 4.59 -1.23
N THR A 305 22.05 5.65 -1.80
CA THR A 305 21.04 6.45 -1.10
C THR A 305 19.80 6.68 -1.97
N GLU A 306 18.74 7.17 -1.34
CA GLU A 306 17.52 7.53 -2.07
C GLU A 306 17.84 8.62 -3.08
N LYS A 307 18.72 9.54 -2.69
CA LYS A 307 19.10 10.67 -3.53
C LYS A 307 19.72 10.20 -4.85
N ASP A 308 20.41 9.07 -4.78
CA ASP A 308 21.02 8.50 -5.98
C ASP A 308 19.93 8.08 -6.97
N VAL A 309 18.88 7.41 -6.47
CA VAL A 309 17.79 6.98 -7.33
C VAL A 309 17.15 8.18 -8.04
N PHE A 310 16.85 9.23 -7.27
CA PHE A 310 16.32 10.46 -7.86
C PHE A 310 17.29 11.01 -8.89
N ARG A 311 18.55 11.17 -8.49
CA ARG A 311 19.59 11.73 -9.36
C ARG A 311 19.70 10.95 -10.67
N LEU A 312 19.76 9.62 -10.57
CA LEU A 312 19.91 8.77 -11.74
C LEU A 312 18.69 8.84 -12.67
N LEU A 313 17.55 9.27 -12.13
CA LEU A 313 16.35 9.46 -12.95
C LEU A 313 16.23 10.89 -13.46
N GLY A 314 17.14 11.76 -13.02
CA GLY A 314 17.13 13.14 -13.45
C GLY A 314 16.05 13.93 -12.74
N LEU A 315 15.73 13.51 -11.52
CA LEU A 315 14.71 14.18 -10.72
C LEU A 315 15.29 14.94 -9.55
N PRO A 316 14.65 16.05 -9.15
CA PRO A 316 15.03 16.65 -7.88
C PRO A 316 14.56 15.77 -6.74
N TYR A 317 15.35 15.70 -5.68
CA TYR A 317 15.04 14.86 -4.54
C TYR A 317 13.74 15.31 -3.87
N ARG A 318 13.01 14.37 -3.31
CA ARG A 318 11.80 14.69 -2.55
C ARG A 318 11.86 14.03 -1.19
N GLU A 319 11.74 14.84 -0.15
CA GLU A 319 11.63 14.36 1.23
C GLU A 319 10.46 13.40 1.33
N PRO A 320 10.51 12.44 2.27
CA PRO A 320 9.36 11.54 2.44
C PRO A 320 8.02 12.27 2.57
N ALA A 321 8.03 13.41 3.26
CA ALA A 321 6.81 14.16 3.52
C ALA A 321 6.15 14.64 2.22
N GLU A 322 6.96 14.88 1.19
CA GLU A 322 6.46 15.42 -0.07
C GLU A 322 6.10 14.33 -1.08
N ARG A 323 6.00 13.08 -0.61
CA ARG A 323 5.76 11.93 -1.48
C ARG A 323 4.35 11.35 -1.35
N ASP A 324 3.42 12.10 -0.76
CA ASP A 324 2.05 11.61 -0.67
C ASP A 324 1.47 11.48 -2.06
N TRP A 325 1.99 12.28 -2.98
CA TRP A 325 1.59 12.21 -4.37
C TRP A 325 2.78 12.42 -5.30
P 8OG C 7 1.49 -1.13 3.01
OP1 8OG C 7 1.73 -0.84 4.47
OP2 8OG C 7 0.03 -1.10 2.67
O5' 8OG C 7 2.31 -0.11 2.13
C5' 8OG C 7 3.70 -0.01 2.33
C4' 8OG C 7 4.35 0.73 1.19
O4' 8OG C 7 4.33 -0.24 -0.10
C3' 8OG C 7 3.69 1.80 0.87
O3' 8OG C 7 4.19 2.95 1.66
C2' 8OG C 7 4.02 1.95 -0.64
C1' 8OG C 7 4.43 0.55 -1.14
N9 8OG C 7 3.54 0.15 -2.21
C8 8OG C 7 3.88 -0.07 -3.63
N7 8OG C 7 2.63 -0.46 -4.32
C5 8OG C 7 1.63 -0.46 -3.32
C6 8OG C 7 0.17 -0.78 -3.44
O6 8OG C 7 -0.29 -1.09 -4.52
N1 8OG C 7 -0.68 -0.71 -2.30
C2 8OG C 7 -0.15 -0.35 -1.00
N2 8OG C 7 -0.99 -0.28 0.15
N3 8OG C 7 1.28 -0.04 -0.91
C4 8OG C 7 2.16 -0.11 -2.07
O8 8OG C 7 4.96 0.04 -4.15
NA NA E . 1.95 1.51 5.92
MG MG F . -9.73 -6.80 1.07
C1 CIT G . -3.19 1.84 5.07
O1 CIT G . -4.07 2.61 5.55
O2 CIT G . -3.02 0.69 5.57
C2 CIT G . -2.33 2.31 3.92
C3 CIT G . -0.95 2.67 4.42
O7 CIT G . -0.39 1.57 5.08
C4 CIT G . -0.09 3.04 3.23
C5 CIT G . 1.26 3.61 3.65
O3 CIT G . 1.92 4.31 2.83
O4 CIT G . 1.72 3.40 4.79
C6 CIT G . -1.06 3.86 5.37
O5 CIT G . -1.50 4.95 4.96
O6 CIT G . -0.68 3.72 6.56
#